data_5M0Z
#
_entry.id   5M0Z
#
_cell.length_a   69.206
_cell.length_b   114.677
_cell.length_c   155.435
_cell.angle_alpha   90.00
_cell.angle_beta   90.00
_cell.angle_gamma   90.00
#
_symmetry.space_group_name_H-M   'C 2 2 21'
#
loop_
_entity.id
_entity.type
_entity.pdbx_description
1 polymer 'Cyclohexanone Monooxygenase from Thermocrispum municipale.'
2 non-polymer 'FLAVIN-ADENINE DINUCLEOTIDE'
3 non-polymer '[(2R,3R,4R,5R)-5-(6-AMINO-9H-PURIN-9-YL)-3-HYDROXY-4-(PHOSPHONOOXY)TETRAHYDROFURAN-2-YL]METHYL [(2R,3S,4S)-3,4-DIHYDROXYTETRAHYDROFURAN-2-YL]METHYL DIHYDROGEN DIPHOSPHATE'
4 non-polymer GLYCEROL
5 water water
#
_entity_poly.entity_id   1
_entity_poly.type   'polypeptide(L)'
_entity_poly.pdbx_seq_one_letter_code
;MSTTQTPDLDAIVIGAGFGGIYMLHKLRNDLGLSVRVFEKGGGVGGTWYWNKYPGAKSDTEGFVYRYSFDKELLREYDWT
TRYLDQPDVLAYLEHVVERYDLARDIQLNTEVTDAIFDEETELWRVTTAGGETLTARFLVTALGLLSRSNIPDIPGRDSF
AGRLVHTNAWPEDLDITGKRVGVIGTGSTGTQFIVAAAKMAEQLTVFQRTPQYCVPSGNGPMDPDEVARIKQNFDSIWDQ
VRSSTVAFGFEESTVEAMSVSESERQRVFQQAWDKGNGFRFMFGTFCDIATNPEANAAAAAFIRSKIAEIVKDPETARKL
TPTDLYAKRPLCNEGYYETYNRDNVSLVSLKETPIEEIVPQGVRTSDGVVHELDVLVFATGFDAVDGNYRAMNLRGRDGR
HINEHWTEGPTSYLGVTKAGFPNMFMILGPNGPFTNLPPSIEAQVEWISDLIDKATREGLTTVEPTADAEREWTETCAEI
ANMTLFPKADSWIFGANIPGKRHAVMFYLGGLGNYRRQLADVADGGYRGFQLRGERAQAVA
;
_entity_poly.pdbx_strand_id   A
#
loop_
_chem_comp.id
_chem_comp.type
_chem_comp.name
_chem_comp.formula
FAD non-polymer 'FLAVIN-ADENINE DINUCLEOTIDE' 'C27 H33 N9 O15 P2'
GOL non-polymer GLYCEROL 'C3 H8 O3'
NA7 non-polymer '[(2R,3R,4R,5R)-5-(6-AMINO-9H-PURIN-9-YL)-3-HYDROXY-4-(PHOSPHONOOXY)TETRAHYDROFURAN-2-YL]METHYL [(2R,3S,4S)-3,4-DIHYDROXYTETRAHYDROFURAN-2-YL]METHYL DIHYDROGEN DIPHOSPHATE' 'C15 H24 N5 O16 P3'
#
# COMPACT_ATOMS: atom_id res chain seq x y z
N THR A 6 -35.99 6.61 -4.77
CA THR A 6 -35.07 6.51 -5.94
C THR A 6 -33.80 7.33 -5.67
N PRO A 7 -32.62 6.70 -5.71
CA PRO A 7 -31.41 7.48 -5.50
C PRO A 7 -31.01 8.30 -6.72
N ASP A 8 -30.12 9.24 -6.49
CA ASP A 8 -29.59 10.04 -7.56
C ASP A 8 -28.77 9.10 -8.54
N LEU A 9 -28.04 8.15 -7.94
CA LEU A 9 -27.23 7.20 -8.68
C LEU A 9 -27.39 5.82 -8.10
N ASP A 10 -27.17 4.79 -8.91
CA ASP A 10 -27.09 3.44 -8.36
C ASP A 10 -25.94 3.31 -7.38
N ALA A 11 -24.76 3.88 -7.77
CA ALA A 11 -23.58 3.70 -6.94
C ALA A 11 -22.65 4.92 -6.94
N ILE A 12 -22.02 5.11 -5.80
CA ILE A 12 -20.97 6.10 -5.67
C ILE A 12 -19.70 5.38 -5.26
N VAL A 13 -18.60 5.71 -5.91
CA VAL A 13 -17.27 5.17 -5.64
C VAL A 13 -16.42 6.33 -5.15
N ILE A 14 -15.61 6.14 -4.11
CA ILE A 14 -14.73 7.19 -3.61
C ILE A 14 -13.33 6.70 -3.80
N GLY A 15 -12.53 7.50 -4.48
CA GLY A 15 -11.12 7.21 -4.82
C GLY A 15 -10.97 6.83 -6.28
N ALA A 16 -9.93 7.37 -6.92
CA ALA A 16 -9.65 7.09 -8.31
C ALA A 16 -8.24 6.53 -8.53
N GLY A 17 -7.83 5.63 -7.59
CA GLY A 17 -6.66 4.78 -7.76
C GLY A 17 -7.01 3.51 -8.51
N PHE A 18 -6.08 2.56 -8.54
CA PHE A 18 -6.35 1.27 -9.10
C PHE A 18 -7.72 0.73 -8.72
N GLY A 19 -8.09 0.90 -7.44
CA GLY A 19 -9.33 0.41 -6.94
C GLY A 19 -10.57 1.04 -7.51
N GLY A 20 -10.74 2.34 -7.34
CA GLY A 20 -11.90 3.01 -7.86
C GLY A 20 -12.05 3.03 -9.38
N ILE A 21 -10.93 3.10 -10.10
CA ILE A 21 -10.97 3.00 -11.55
C ILE A 21 -11.61 1.70 -11.98
N TYR A 22 -11.15 0.59 -11.43
CA TYR A 22 -11.71 -0.68 -11.88
C TYR A 22 -13.18 -0.84 -11.38
N MET A 23 -13.45 -0.38 -10.14
CA MET A 23 -14.83 -0.48 -9.67
C MET A 23 -15.79 0.26 -10.58
N LEU A 24 -15.40 1.46 -11.00
CA LEU A 24 -16.27 2.26 -11.89
C LEU A 24 -16.50 1.52 -13.20
N HIS A 25 -15.42 0.97 -13.78
CA HIS A 25 -15.54 0.21 -14.99
C HIS A 25 -16.50 -0.95 -14.82
N LYS A 26 -16.37 -1.75 -13.76
CA LYS A 26 -17.30 -2.88 -13.58
C LYS A 26 -18.77 -2.42 -13.45
N LEU A 27 -19.01 -1.47 -12.55
CA LEU A 27 -20.38 -1.10 -12.26
C LEU A 27 -21.04 -0.36 -13.40
N ARG A 28 -20.32 0.53 -14.10
CA ARG A 28 -20.91 1.27 -15.23
C ARG A 28 -20.88 0.51 -16.52
N ASN A 29 -19.73 0.09 -16.94
CA ASN A 29 -19.58 -0.56 -18.25
C ASN A 29 -20.11 -1.98 -18.25
N ASP A 30 -19.80 -2.73 -17.27
CA ASP A 30 -20.23 -4.13 -17.28
C ASP A 30 -21.64 -4.33 -16.79
N LEU A 31 -22.04 -3.68 -15.73
CA LEU A 31 -23.38 -3.87 -15.20
C LEU A 31 -24.40 -2.84 -15.73
N GLY A 32 -23.93 -1.75 -16.31
CA GLY A 32 -24.83 -0.70 -16.79
C GLY A 32 -25.53 0.12 -15.75
N LEU A 33 -24.96 0.22 -14.55
CA LEU A 33 -25.51 1.12 -13.50
C LEU A 33 -25.08 2.54 -13.71
N SER A 34 -25.74 3.46 -13.02
CA SER A 34 -25.34 4.82 -13.06
C SER A 34 -24.42 5.02 -11.85
N VAL A 35 -23.27 5.63 -12.13
CA VAL A 35 -22.15 5.63 -11.18
C VAL A 35 -21.40 6.93 -11.29
N ARG A 36 -20.87 7.41 -10.16
CA ARG A 36 -19.87 8.49 -10.15
C ARG A 36 -18.76 8.17 -9.18
N VAL A 37 -17.56 8.52 -9.59
CA VAL A 37 -16.41 8.45 -8.70
C VAL A 37 -16.10 9.87 -8.19
N PHE A 38 -15.82 10.01 -6.91
CA PHE A 38 -15.27 11.27 -6.35
C PHE A 38 -13.82 11.04 -5.94
N GLU A 39 -12.91 11.92 -6.35
CA GLU A 39 -11.51 11.79 -5.96
C GLU A 39 -11.08 13.15 -5.54
N LYS A 40 -10.48 13.25 -4.37
CA LYS A 40 -10.03 14.52 -3.89
C LYS A 40 -8.87 15.17 -4.63
N GLY A 41 -8.04 14.33 -5.25
CA GLY A 41 -6.95 14.79 -6.05
C GLY A 41 -7.42 15.46 -7.33
N GLY A 42 -6.52 16.28 -7.90
CA GLY A 42 -6.68 16.89 -9.21
C GLY A 42 -6.51 16.01 -10.41
N GLY A 43 -6.16 14.75 -10.17
CA GLY A 43 -6.00 13.79 -11.25
C GLY A 43 -6.25 12.38 -10.75
N VAL A 44 -6.53 11.47 -11.67
CA VAL A 44 -6.66 10.07 -11.38
C VAL A 44 -5.29 9.44 -11.12
N GLY A 45 -5.30 8.27 -10.48
CA GLY A 45 -4.08 7.51 -10.29
C GLY A 45 -3.75 7.12 -8.83
N GLY A 46 -4.42 7.73 -7.83
CA GLY A 46 -4.14 7.36 -6.44
C GLY A 46 -2.73 7.58 -6.06
N THR A 47 -2.10 6.58 -5.47
CA THR A 47 -0.67 6.60 -5.17
C THR A 47 0.18 7.23 -6.25
N TRP A 48 -0.15 6.89 -7.50
CA TRP A 48 0.68 7.22 -8.64
C TRP A 48 0.41 8.62 -9.20
N TYR A 49 -0.66 9.23 -8.69
CA TYR A 49 -0.85 10.66 -8.83
C TYR A 49 -0.09 11.47 -7.80
N TRP A 50 -0.23 11.08 -6.53
CA TRP A 50 0.29 11.86 -5.43
C TRP A 50 1.77 11.76 -5.21
N ASN A 51 2.38 10.61 -5.42
CA ASN A 51 3.77 10.35 -5.00
C ASN A 51 4.71 10.75 -6.15
N LYS A 52 4.86 12.05 -6.32
CA LYS A 52 5.63 12.60 -7.44
C LYS A 52 7.13 12.79 -7.13
N TYR A 53 7.60 12.26 -6.01
CA TYR A 53 8.96 12.49 -5.56
C TYR A 53 9.98 11.70 -6.42
N PRO A 54 11.24 12.24 -6.51
CA PRO A 54 12.26 11.57 -7.27
C PRO A 54 12.51 10.21 -6.65
N GLY A 55 12.54 9.22 -7.54
CA GLY A 55 12.77 7.81 -7.15
C GLY A 55 11.51 7.01 -6.87
N ALA A 56 10.35 7.68 -6.86
CA ALA A 56 9.08 6.95 -6.62
C ALA A 56 8.86 5.86 -7.67
N LYS A 57 8.72 4.63 -7.25
CA LYS A 57 8.52 3.52 -8.17
C LYS A 57 7.92 2.32 -7.44
N SER A 58 7.41 1.41 -8.26
CA SER A 58 6.86 0.15 -7.80
C SER A 58 7.94 -0.76 -7.28
N ASP A 59 7.65 -1.50 -6.21
CA ASP A 59 8.50 -2.63 -5.82
C ASP A 59 7.94 -3.98 -6.20
N THR A 60 6.72 -3.98 -6.76
CA THR A 60 6.28 -5.08 -7.56
C THR A 60 6.96 -4.96 -8.95
N GLU A 61 7.51 -6.04 -9.49
CA GLU A 61 8.03 -5.96 -10.84
C GLU A 61 6.92 -5.65 -11.83
N GLY A 62 7.27 -4.84 -12.78
CA GLY A 62 6.33 -4.21 -13.67
C GLY A 62 5.42 -5.16 -14.40
N PHE A 63 5.91 -6.36 -14.69
CA PHE A 63 5.10 -7.30 -15.42
C PHE A 63 3.76 -7.63 -14.79
N VAL A 64 3.75 -7.65 -13.47
CA VAL A 64 2.54 -7.93 -12.70
C VAL A 64 2.00 -6.75 -11.87
N TYR A 65 2.52 -5.52 -12.09
CA TYR A 65 2.01 -4.33 -11.43
C TYR A 65 1.10 -3.58 -12.42
N ARG A 66 -0.05 -4.22 -12.71
CA ARG A 66 -0.97 -3.84 -13.73
C ARG A 66 -2.24 -4.68 -13.52
N TYR A 67 -3.34 -4.29 -14.18
CA TYR A 67 -4.48 -5.11 -14.23
C TYR A 67 -4.21 -6.40 -15.05
N SER A 68 -5.06 -7.38 -14.85
CA SER A 68 -5.04 -8.61 -15.64
C SER A 68 -6.34 -8.92 -16.33
N PHE A 69 -7.39 -8.16 -16.02
CA PHE A 69 -8.75 -8.53 -16.43
C PHE A 69 -9.00 -8.43 -17.90
N ASP A 70 -8.21 -7.67 -18.64
CA ASP A 70 -8.40 -7.42 -20.07
C ASP A 70 -7.21 -7.96 -20.82
N LYS A 71 -7.45 -9.08 -21.51
CA LYS A 71 -6.37 -9.76 -22.16
C LYS A 71 -5.76 -8.97 -23.30
N GLU A 72 -6.56 -8.21 -24.00
CA GLU A 72 -6.03 -7.41 -25.08
C GLU A 72 -5.09 -6.33 -24.53
N LEU A 73 -5.47 -5.68 -23.42
CA LEU A 73 -4.60 -4.68 -22.82
C LEU A 73 -3.23 -5.27 -22.36
N LEU A 74 -3.28 -6.46 -21.85
CA LEU A 74 -2.03 -7.21 -21.52
C LEU A 74 -1.19 -7.44 -22.73
N ARG A 75 -1.82 -7.80 -23.85
CA ARG A 75 -1.07 -7.92 -25.11
C ARG A 75 -0.49 -6.61 -25.60
N GLU A 76 -1.23 -5.53 -25.50
CA GLU A 76 -0.85 -4.32 -26.15
C GLU A 76 0.17 -3.50 -25.35
N TYR A 77 0.02 -3.43 -24.02
CA TYR A 77 0.67 -2.35 -23.33
C TYR A 77 2.14 -2.70 -23.03
N ASP A 78 3.05 -1.78 -23.35
N ASP A 78 3.08 -1.82 -23.39
CA ASP A 78 4.50 -2.01 -23.24
CA ASP A 78 4.50 -2.11 -23.20
C ASP A 78 5.01 -1.44 -21.91
C ASP A 78 5.02 -1.46 -21.94
N TRP A 79 5.97 -2.13 -21.30
CA TRP A 79 6.81 -1.52 -20.29
C TRP A 79 8.26 -1.76 -20.70
N THR A 80 9.16 -0.88 -20.25
CA THR A 80 10.52 -0.92 -20.72
C THR A 80 11.56 -0.97 -19.61
N THR A 81 11.08 -1.02 -18.34
CA THR A 81 12.00 -1.04 -17.18
C THR A 81 11.47 -2.13 -16.26
N ARG A 82 12.34 -2.83 -15.54
CA ARG A 82 11.87 -3.99 -14.75
C ARG A 82 10.89 -3.60 -13.69
N TYR A 83 11.12 -2.44 -13.06
CA TYR A 83 10.14 -1.82 -12.15
C TYR A 83 9.63 -0.54 -12.77
N LEU A 84 8.45 -0.10 -12.37
CA LEU A 84 7.81 1.06 -13.00
C LEU A 84 7.95 2.27 -12.16
N ASP A 85 8.51 3.30 -12.76
CA ASP A 85 8.58 4.56 -12.09
C ASP A 85 7.20 5.20 -12.02
N GLN A 86 6.99 6.07 -11.04
CA GLN A 86 5.68 6.71 -10.85
C GLN A 86 5.01 7.28 -12.12
N PRO A 87 5.77 8.04 -12.95
CA PRO A 87 5.07 8.63 -14.10
C PRO A 87 4.57 7.52 -15.03
N ASP A 88 5.31 6.40 -15.09
CA ASP A 88 4.87 5.28 -15.91
C ASP A 88 3.64 4.53 -15.41
N VAL A 89 3.50 4.37 -14.09
CA VAL A 89 2.31 3.76 -13.57
C VAL A 89 1.15 4.74 -13.80
N LEU A 90 1.42 6.01 -13.55
CA LEU A 90 0.35 7.04 -13.75
C LEU A 90 -0.15 7.02 -15.20
N ALA A 91 0.77 6.98 -16.16
CA ALA A 91 0.38 6.96 -17.55
C ALA A 91 -0.43 5.71 -17.88
N TYR A 92 -0.07 4.56 -17.29
CA TYR A 92 -0.88 3.36 -17.46
C TYR A 92 -2.32 3.53 -16.98
N LEU A 93 -2.47 4.06 -15.78
CA LEU A 93 -3.79 4.25 -15.20
C LEU A 93 -4.60 5.26 -15.98
N GLU A 94 -3.92 6.30 -16.48
CA GLU A 94 -4.56 7.28 -17.40
C GLU A 94 -4.97 6.62 -18.69
N HIS A 95 -4.15 5.71 -19.20
CA HIS A 95 -4.55 4.98 -20.39
C HIS A 95 -5.76 4.08 -20.18
N VAL A 96 -5.86 3.42 -19.01
CA VAL A 96 -7.02 2.62 -18.69
C VAL A 96 -8.29 3.50 -18.64
N VAL A 97 -8.15 4.66 -17.97
CA VAL A 97 -9.29 5.57 -17.88
C VAL A 97 -9.75 6.00 -19.29
N GLU A 98 -8.80 6.23 -20.17
CA GLU A 98 -9.15 6.57 -21.58
C GLU A 98 -9.77 5.42 -22.30
N ARG A 99 -9.20 4.24 -22.15
CA ARG A 99 -9.63 3.05 -22.86
C ARG A 99 -11.10 2.69 -22.62
N TYR A 100 -11.52 2.86 -21.36
CA TYR A 100 -12.85 2.45 -20.92
C TYR A 100 -13.79 3.67 -20.79
N ASP A 101 -13.38 4.82 -21.34
CA ASP A 101 -14.20 6.05 -21.35
C ASP A 101 -14.71 6.36 -19.93
N LEU A 102 -13.76 6.41 -18.99
CA LEU A 102 -14.12 6.56 -17.58
C LEU A 102 -14.09 7.99 -17.03
N ALA A 103 -13.34 8.86 -17.69
CA ALA A 103 -13.07 10.21 -17.15
C ALA A 103 -14.34 11.00 -16.99
N ARG A 104 -15.29 10.79 -17.91
CA ARG A 104 -16.55 11.51 -17.85
C ARG A 104 -17.34 11.31 -16.52
N ASP A 105 -17.08 10.22 -15.79
CA ASP A 105 -17.79 9.91 -14.52
C ASP A 105 -16.87 9.92 -13.30
N ILE A 106 -15.69 10.50 -13.45
CA ILE A 106 -14.79 10.75 -12.35
C ILE A 106 -14.70 12.26 -12.06
N GLN A 107 -15.20 12.64 -10.90
CA GLN A 107 -15.20 14.04 -10.51
C GLN A 107 -14.05 14.32 -9.60
N LEU A 108 -13.10 15.10 -10.12
CA LEU A 108 -11.84 15.38 -9.42
C LEU A 108 -12.02 16.59 -8.46
N ASN A 109 -10.96 16.83 -7.67
CA ASN A 109 -10.92 17.86 -6.67
C ASN A 109 -12.06 17.78 -5.69
N THR A 110 -12.59 16.60 -5.52
CA THR A 110 -13.81 16.44 -4.70
C THR A 110 -13.60 15.49 -3.55
N GLU A 111 -13.41 16.05 -2.38
CA GLU A 111 -13.31 15.24 -1.16
C GLU A 111 -14.68 14.92 -0.61
N VAL A 112 -14.96 13.66 -0.33
CA VAL A 112 -16.14 13.26 0.44
C VAL A 112 -15.86 13.42 1.92
N THR A 113 -16.64 14.30 2.56
CA THR A 113 -16.49 14.58 3.96
C THR A 113 -17.48 13.76 4.82
N ASP A 114 -18.61 13.34 4.25
CA ASP A 114 -19.62 12.62 5.00
C ASP A 114 -20.26 11.56 4.09
N ALA A 115 -20.55 10.42 4.69
CA ALA A 115 -21.29 9.37 4.03
C ALA A 115 -22.16 8.74 5.10
N ILE A 116 -23.47 8.88 4.90
CA ILE A 116 -24.45 8.60 5.94
C ILE A 116 -25.55 7.70 5.42
N PHE A 117 -25.79 6.57 6.09
CA PHE A 117 -26.84 5.68 5.69
C PHE A 117 -28.17 6.08 6.30
N ASP A 118 -29.20 6.13 5.47
CA ASP A 118 -30.56 6.41 5.98
C ASP A 118 -31.32 5.09 6.05
N GLU A 119 -31.67 4.64 7.27
CA GLU A 119 -32.32 3.35 7.42
C GLU A 119 -33.74 3.33 6.94
N GLU A 120 -34.32 4.50 6.71
CA GLU A 120 -35.72 4.57 6.26
C GLU A 120 -35.77 4.41 4.73
N THR A 121 -34.91 5.12 4.01
CA THR A 121 -34.91 5.03 2.53
C THR A 121 -33.97 3.93 2.05
N GLU A 122 -33.10 3.48 2.94
CA GLU A 122 -32.10 2.44 2.65
C GLU A 122 -31.16 2.89 1.51
N LEU A 123 -30.85 4.19 1.56
CA LEU A 123 -29.89 4.84 0.68
C LEU A 123 -28.78 5.55 1.41
N TRP A 124 -27.63 5.61 0.75
CA TRP A 124 -26.51 6.40 1.25
C TRP A 124 -26.56 7.83 0.79
N ARG A 125 -26.20 8.79 1.66
N ARG A 125 -26.26 8.82 1.66
CA ARG A 125 -26.11 10.19 1.26
CA ARG A 125 -26.13 10.20 1.20
C ARG A 125 -24.64 10.60 1.43
C ARG A 125 -24.66 10.61 1.41
N VAL A 126 -24.05 11.11 0.36
CA VAL A 126 -22.69 11.57 0.37
C VAL A 126 -22.70 13.09 0.35
N THR A 127 -21.78 13.66 1.12
CA THR A 127 -21.57 15.13 1.13
C THR A 127 -20.14 15.43 0.70
N THR A 128 -19.98 16.43 -0.19
CA THR A 128 -18.68 16.84 -0.60
C THR A 128 -18.17 18.03 0.18
N ALA A 129 -16.86 18.20 0.20
CA ALA A 129 -16.23 19.35 0.85
C ALA A 129 -16.75 20.66 0.22
N GLY A 130 -17.11 20.59 -1.06
CA GLY A 130 -17.67 21.78 -1.76
C GLY A 130 -19.12 22.08 -1.38
N GLY A 131 -19.75 21.29 -0.52
CA GLY A 131 -21.11 21.57 -0.10
C GLY A 131 -22.20 21.06 -0.98
N GLU A 132 -21.97 19.95 -1.65
CA GLU A 132 -23.04 19.27 -2.36
C GLU A 132 -23.35 17.94 -1.72
N THR A 133 -24.60 17.49 -1.91
CA THR A 133 -24.99 16.15 -1.44
C THR A 133 -25.72 15.41 -2.55
N LEU A 134 -25.61 14.08 -2.51
CA LEU A 134 -26.37 13.23 -3.41
C LEU A 134 -26.48 11.85 -2.82
N THR A 135 -27.41 11.08 -3.36
CA THR A 135 -27.66 9.77 -2.85
C THR A 135 -27.34 8.66 -3.81
N ALA A 136 -27.05 7.48 -3.25
CA ALA A 136 -26.83 6.29 -4.02
C ALA A 136 -27.32 5.08 -3.24
N ARG A 137 -27.59 4.01 -3.97
CA ARG A 137 -27.97 2.74 -3.32
C ARG A 137 -26.72 2.07 -2.75
N PHE A 138 -25.67 2.05 -3.56
CA PHE A 138 -24.44 1.36 -3.13
C PHE A 138 -23.29 2.36 -3.02
N LEU A 139 -22.43 2.13 -2.04
CA LEU A 139 -21.28 2.96 -1.73
C LEU A 139 -20.04 2.08 -1.75
N VAL A 140 -19.10 2.45 -2.60
CA VAL A 140 -17.82 1.71 -2.60
C VAL A 140 -16.69 2.65 -2.21
N THR A 141 -15.99 2.32 -1.11
CA THR A 141 -14.90 3.15 -0.60
C THR A 141 -13.57 2.53 -1.00
N ALA A 142 -12.92 3.15 -2.00
CA ALA A 142 -11.57 2.78 -2.46
C ALA A 142 -10.60 3.84 -2.03
N LEU A 143 -10.47 3.95 -0.72
CA LEU A 143 -9.79 5.11 -0.11
C LEU A 143 -8.30 5.01 0.00
N GLY A 144 -7.77 3.84 -0.25
CA GLY A 144 -6.38 3.54 -0.14
C GLY A 144 -5.95 3.09 1.24
N LEU A 145 -5.21 1.95 1.31
CA LEU A 145 -4.53 1.51 2.50
C LEU A 145 -3.30 2.39 2.89
N LEU A 146 -2.71 3.05 1.90
CA LEU A 146 -1.48 3.82 2.07
C LEU A 146 -1.67 5.16 1.38
N SER A 147 -2.65 5.91 1.86
N SER A 147 -2.65 5.89 1.90
CA SER A 147 -2.99 7.19 1.25
CA SER A 147 -3.09 7.13 1.30
C SER A 147 -3.07 8.36 2.20
C SER A 147 -3.08 8.33 2.20
N ARG A 148 -3.45 8.15 3.47
CA ARG A 148 -3.60 9.26 4.36
C ARG A 148 -2.26 9.61 4.96
N SER A 149 -1.70 10.75 4.55
CA SER A 149 -0.31 11.07 4.96
C SER A 149 -0.23 11.21 6.46
N ASN A 150 0.85 10.69 7.03
CA ASN A 150 1.20 10.85 8.43
C ASN A 150 2.36 11.87 8.51
N ILE A 151 2.13 13.04 9.13
CA ILE A 151 3.16 14.09 9.33
C ILE A 151 3.28 14.28 10.82
N PRO A 152 4.27 13.68 11.44
CA PRO A 152 4.46 13.77 12.93
C PRO A 152 4.58 15.19 13.45
N ASP A 153 4.10 15.38 14.67
CA ASP A 153 4.15 16.69 15.24
C ASP A 153 5.49 16.81 15.94
N ILE A 154 6.49 17.09 15.18
CA ILE A 154 7.83 17.35 15.68
C ILE A 154 7.91 18.80 16.15
N PRO A 155 8.48 19.05 17.36
CA PRO A 155 8.54 20.37 17.89
C PRO A 155 9.23 21.37 16.92
N GLY A 156 8.61 22.53 16.72
CA GLY A 156 9.11 23.56 15.85
C GLY A 156 8.81 23.34 14.35
N ARG A 157 8.10 22.27 13.98
CA ARG A 157 7.93 21.88 12.53
C ARG A 157 7.42 23.08 11.71
N ASP A 158 6.47 23.84 12.30
CA ASP A 158 5.86 24.96 11.57
C ASP A 158 6.73 26.20 11.44
N SER A 159 7.90 26.21 12.10
CA SER A 159 8.86 27.28 11.95
C SER A 159 9.78 27.20 10.73
N PHE A 160 9.91 26.02 10.16
CA PHE A 160 10.81 25.81 9.03
C PHE A 160 10.41 26.70 7.92
N ALA A 161 11.40 27.42 7.38
CA ALA A 161 11.17 28.51 6.44
C ALA A 161 11.28 28.11 5.00
N GLY A 162 11.81 26.92 4.76
CA GLY A 162 11.98 26.44 3.40
C GLY A 162 10.83 25.57 2.93
N ARG A 163 11.11 24.65 2.00
CA ARG A 163 10.05 23.75 1.42
C ARG A 163 9.94 22.54 2.26
N LEU A 164 8.83 22.33 2.93
CA LEU A 164 8.58 21.22 3.83
C LEU A 164 7.47 20.40 3.26
N VAL A 165 7.72 19.16 2.85
CA VAL A 165 6.73 18.38 2.18
C VAL A 165 6.73 16.93 2.59
N HIS A 166 5.54 16.33 2.68
CA HIS A 166 5.47 14.91 2.74
C HIS A 166 5.60 14.36 1.37
N THR A 167 6.14 13.13 1.25
CA THR A 167 6.39 12.51 -0.02
C THR A 167 5.12 12.30 -0.80
N ASN A 168 4.03 12.02 -0.07
CA ASN A 168 2.70 11.82 -0.68
C ASN A 168 2.05 13.14 -1.06
N ALA A 169 2.72 14.25 -0.80
CA ALA A 169 2.28 15.56 -1.27
C ALA A 169 3.41 16.25 -2.08
N TRP A 170 4.29 15.45 -2.67
CA TRP A 170 5.41 16.03 -3.34
C TRP A 170 4.98 16.97 -4.45
N PRO A 171 5.50 18.20 -4.45
CA PRO A 171 5.05 19.16 -5.45
C PRO A 171 5.76 19.00 -6.75
N GLU A 172 4.97 18.99 -7.83
CA GLU A 172 5.54 18.77 -9.14
C GLU A 172 6.62 19.79 -9.49
N ASP A 173 6.46 21.00 -9.00
CA ASP A 173 7.40 22.04 -9.37
C ASP A 173 8.76 21.93 -8.63
N LEU A 174 8.85 21.17 -7.56
CA LEU A 174 10.07 21.22 -6.74
C LEU A 174 11.26 20.49 -7.39
N ASP A 175 12.36 21.21 -7.61
CA ASP A 175 13.56 20.64 -8.13
C ASP A 175 14.58 20.76 -7.03
N ILE A 176 15.04 19.61 -6.48
CA ILE A 176 16.00 19.61 -5.39
C ILE A 176 17.46 19.68 -5.86
N THR A 177 17.68 19.82 -7.16
CA THR A 177 19.03 19.83 -7.72
C THR A 177 19.79 20.95 -7.10
N GLY A 178 20.95 20.62 -6.54
CA GLY A 178 21.79 21.68 -5.97
C GLY A 178 21.40 22.24 -4.61
N LYS A 179 20.38 21.65 -3.95
CA LYS A 179 19.89 22.09 -2.68
C LYS A 179 20.40 21.25 -1.54
N ARG A 180 20.27 21.83 -0.34
CA ARG A 180 20.51 21.11 0.88
C ARG A 180 19.17 20.46 1.32
N VAL A 181 19.14 19.14 1.26
CA VAL A 181 17.93 18.38 1.50
C VAL A 181 18.03 17.48 2.73
N GLY A 182 17.02 17.48 3.57
CA GLY A 182 16.93 16.50 4.62
C GLY A 182 15.74 15.63 4.44
N VAL A 183 15.85 14.36 4.86
CA VAL A 183 14.69 13.43 4.80
C VAL A 183 14.54 12.72 6.10
N ILE A 184 13.34 12.66 6.60
CA ILE A 184 13.00 11.94 7.82
C ILE A 184 12.24 10.72 7.37
N GLY A 185 12.80 9.53 7.61
CA GLY A 185 12.16 8.28 7.29
C GLY A 185 12.93 7.41 6.38
N THR A 186 13.01 6.10 6.72
CA THR A 186 13.78 5.15 5.88
C THR A 186 13.06 3.86 5.61
N GLY A 187 11.75 3.94 5.44
CA GLY A 187 10.96 2.83 4.90
C GLY A 187 11.07 2.78 3.37
N SER A 188 10.16 2.11 2.65
CA SER A 188 10.25 2.00 1.22
C SER A 188 10.32 3.36 0.52
N THR A 189 9.54 4.33 1.03
CA THR A 189 9.51 5.66 0.40
C THR A 189 10.84 6.33 0.61
N GLY A 190 11.26 6.45 1.88
CA GLY A 190 12.44 7.24 2.18
C GLY A 190 13.69 6.67 1.52
N THR A 191 13.80 5.33 1.50
CA THR A 191 15.01 4.72 0.87
C THR A 191 15.07 4.92 -0.62
N GLN A 192 13.92 4.79 -1.33
CA GLN A 192 14.02 5.01 -2.78
C GLN A 192 14.24 6.49 -3.10
N PHE A 193 13.66 7.36 -2.27
CA PHE A 193 13.93 8.79 -2.39
C PHE A 193 15.40 9.07 -2.20
N ILE A 194 15.98 8.51 -1.16
CA ILE A 194 17.38 8.75 -0.87
C ILE A 194 18.31 8.43 -2.03
N VAL A 195 18.07 7.29 -2.66
CA VAL A 195 18.86 6.89 -3.77
C VAL A 195 18.80 7.95 -4.90
N ALA A 196 17.59 8.41 -5.25
CA ALA A 196 17.42 9.42 -6.31
C ALA A 196 17.94 10.74 -5.87
N ALA A 197 17.61 11.14 -4.64
CA ALA A 197 17.94 12.49 -4.17
C ALA A 197 19.44 12.72 -4.03
N ALA A 198 20.18 11.68 -3.62
CA ALA A 198 21.61 11.84 -3.44
C ALA A 198 22.29 12.28 -4.76
N LYS A 199 21.75 11.86 -5.90
CA LYS A 199 22.34 12.22 -7.20
C LYS A 199 22.02 13.64 -7.60
N MET A 200 21.05 14.30 -6.93
CA MET A 200 20.60 15.64 -7.33
C MET A 200 21.06 16.71 -6.31
N ALA A 201 20.94 16.42 -5.02
CA ALA A 201 21.10 17.42 -3.96
C ALA A 201 22.60 17.78 -3.81
N GLU A 202 22.84 19.02 -3.50
CA GLU A 202 24.20 19.36 -3.06
C GLU A 202 24.63 18.60 -1.83
N GLN A 203 23.72 18.44 -0.89
CA GLN A 203 23.95 17.67 0.34
C GLN A 203 22.60 17.04 0.79
N LEU A 204 22.63 15.76 1.13
CA LEU A 204 21.45 15.01 1.65
C LEU A 204 21.74 14.54 3.02
N THR A 205 20.91 14.89 3.95
CA THR A 205 20.99 14.44 5.32
C THR A 205 19.84 13.51 5.58
N VAL A 206 20.14 12.29 6.05
CA VAL A 206 19.12 11.30 6.32
C VAL A 206 18.88 11.21 7.79
N PHE A 207 17.68 11.46 8.24
CA PHE A 207 17.35 11.35 9.68
C PHE A 207 16.65 10.04 9.88
N GLN A 208 17.37 9.06 10.44
CA GLN A 208 16.91 7.66 10.51
C GLN A 208 16.66 7.27 11.94
N ARG A 209 15.42 6.97 12.27
CA ARG A 209 15.10 6.42 13.59
C ARG A 209 15.29 4.91 13.63
N THR A 210 14.97 4.18 12.56
CA THR A 210 14.89 2.69 12.58
C THR A 210 15.40 2.18 11.25
N PRO A 211 16.61 1.64 11.23
CA PRO A 211 17.04 1.06 9.93
C PRO A 211 16.31 -0.18 9.58
N GLN A 212 16.13 -0.46 8.26
CA GLN A 212 15.43 -1.61 7.80
C GLN A 212 16.37 -2.50 6.97
N TYR A 213 15.97 -3.74 6.78
CA TYR A 213 16.76 -4.70 6.00
C TYR A 213 16.44 -4.63 4.51
N CYS A 214 17.18 -3.84 3.80
CA CYS A 214 16.97 -3.63 2.38
C CYS A 214 17.79 -4.60 1.48
N VAL A 215 17.21 -5.11 0.39
CA VAL A 215 17.88 -5.94 -0.57
C VAL A 215 17.88 -5.26 -1.95
N PRO A 216 18.68 -5.74 -2.91
CA PRO A 216 18.67 -5.13 -4.23
C PRO A 216 17.31 -5.33 -4.93
N SER A 217 16.91 -4.37 -5.75
CA SER A 217 15.71 -4.57 -6.55
C SER A 217 16.06 -5.34 -7.81
N GLY A 218 17.26 -5.14 -8.30
CA GLY A 218 17.61 -5.72 -9.60
C GLY A 218 17.07 -4.87 -10.77
N ASN A 219 16.67 -3.64 -10.52
CA ASN A 219 16.06 -2.84 -11.59
C ASN A 219 17.08 -2.55 -12.70
N GLY A 220 16.53 -2.29 -13.89
CA GLY A 220 17.20 -1.85 -15.08
C GLY A 220 16.24 -1.97 -16.27
N PRO A 221 16.74 -1.78 -17.45
CA PRO A 221 15.92 -1.91 -18.65
C PRO A 221 15.42 -3.32 -18.88
N MET A 222 14.28 -3.47 -19.50
CA MET A 222 13.85 -4.76 -19.99
C MET A 222 14.35 -5.01 -21.41
N ASP A 223 14.75 -6.24 -21.66
CA ASP A 223 14.90 -6.71 -23.07
C ASP A 223 13.52 -6.76 -23.68
N PRO A 224 13.28 -6.05 -24.78
CA PRO A 224 11.96 -6.07 -25.37
C PRO A 224 11.51 -7.44 -25.83
N ASP A 225 12.46 -8.32 -26.17
CA ASP A 225 12.20 -9.73 -26.51
C ASP A 225 11.70 -10.47 -25.27
N GLU A 226 12.16 -10.08 -24.06
CA GLU A 226 11.69 -10.71 -22.85
C GLU A 226 10.26 -10.25 -22.51
N VAL A 227 9.97 -8.96 -22.69
CA VAL A 227 8.61 -8.45 -22.57
C VAL A 227 7.67 -9.22 -23.52
N ALA A 228 8.10 -9.43 -24.77
CA ALA A 228 7.24 -10.21 -25.69
C ALA A 228 7.02 -11.61 -25.21
N ARG A 229 8.06 -12.25 -24.67
CA ARG A 229 7.87 -13.58 -24.11
C ARG A 229 6.93 -13.65 -22.90
N ILE A 230 7.08 -12.68 -22.02
CA ILE A 230 6.19 -12.59 -20.87
C ILE A 230 4.77 -12.41 -21.34
N LYS A 231 4.53 -11.52 -22.29
CA LYS A 231 3.15 -11.35 -22.83
C LYS A 231 2.55 -12.63 -23.38
N GLN A 232 3.35 -13.39 -24.10
CA GLN A 232 2.96 -14.66 -24.60
C GLN A 232 2.58 -15.65 -23.49
N ASN A 233 3.17 -15.51 -22.30
CA ASN A 233 2.90 -16.39 -21.23
C ASN A 233 2.03 -15.81 -20.12
N PHE A 234 1.30 -14.75 -20.42
CA PHE A 234 0.63 -14.06 -19.32
C PHE A 234 -0.48 -14.91 -18.70
N ASP A 235 -1.15 -15.79 -19.46
CA ASP A 235 -2.14 -16.63 -18.86
C ASP A 235 -1.61 -17.42 -17.70
N SER A 236 -0.53 -18.11 -17.95
CA SER A 236 0.05 -18.93 -16.96
C SER A 236 0.62 -18.05 -15.82
N ILE A 237 1.21 -16.94 -16.19
CA ILE A 237 1.77 -16.01 -15.18
C ILE A 237 0.66 -15.57 -14.22
N TRP A 238 -0.49 -15.15 -14.73
CA TRP A 238 -1.56 -14.72 -13.84
C TRP A 238 -2.19 -15.84 -13.05
N ASP A 239 -2.25 -17.04 -13.62
CA ASP A 239 -2.75 -18.18 -12.85
C ASP A 239 -1.90 -18.41 -11.59
N GLN A 240 -0.61 -18.32 -11.78
CA GLN A 240 0.39 -18.51 -10.68
C GLN A 240 0.26 -17.42 -9.67
N VAL A 241 0.08 -16.16 -10.16
CA VAL A 241 -0.14 -15.06 -9.27
C VAL A 241 -1.38 -15.26 -8.36
N ARG A 242 -2.51 -15.64 -8.96
CA ARG A 242 -3.77 -15.68 -8.23
C ARG A 242 -3.82 -16.86 -7.25
N SER A 243 -2.99 -17.88 -7.49
CA SER A 243 -2.88 -19.04 -6.61
C SER A 243 -1.81 -18.91 -5.54
N SER A 244 -0.93 -17.90 -5.65
CA SER A 244 0.20 -17.72 -4.70
C SER A 244 -0.18 -17.05 -3.40
N THR A 245 0.73 -16.82 -2.47
CA THR A 245 0.40 -16.08 -1.26
C THR A 245 0.59 -14.60 -1.45
N VAL A 246 1.70 -14.21 -2.05
CA VAL A 246 2.04 -12.77 -2.11
C VAL A 246 1.86 -12.13 -3.50
N ALA A 247 1.68 -12.94 -4.55
CA ALA A 247 1.25 -12.43 -5.87
C ALA A 247 2.22 -11.57 -6.59
N PHE A 248 3.54 -11.78 -6.33
CA PHE A 248 4.59 -10.97 -6.91
C PHE A 248 5.14 -11.55 -8.17
N GLY A 249 4.60 -12.67 -8.66
CA GLY A 249 5.01 -13.21 -9.96
C GLY A 249 6.18 -14.20 -9.93
N PHE A 250 6.56 -14.63 -8.76
CA PHE A 250 7.62 -15.66 -8.61
C PHE A 250 7.00 -16.81 -7.82
N GLU A 251 7.63 -17.98 -8.02
CA GLU A 251 7.23 -19.19 -7.33
C GLU A 251 7.77 -19.08 -5.92
N GLU A 252 6.91 -19.28 -4.94
CA GLU A 252 7.27 -19.19 -3.55
C GLU A 252 7.89 -20.48 -3.07
N SER A 253 8.93 -20.37 -2.30
CA SER A 253 9.63 -21.61 -1.83
C SER A 253 8.78 -22.46 -0.96
N THR A 254 8.94 -23.79 -1.06
CA THR A 254 8.33 -24.74 -0.22
C THR A 254 9.41 -25.37 0.72
N VAL A 255 10.62 -24.84 0.81
CA VAL A 255 11.72 -25.43 1.59
C VAL A 255 11.94 -24.69 2.89
N GLU A 256 11.99 -25.41 4.01
CA GLU A 256 12.30 -24.82 5.31
C GLU A 256 13.79 -24.45 5.37
N ALA A 257 14.07 -23.22 5.76
CA ALA A 257 15.42 -22.70 5.73
C ALA A 257 16.43 -23.60 6.44
N MET A 258 16.05 -24.20 7.55
CA MET A 258 17.04 -24.91 8.37
C MET A 258 17.12 -26.36 7.99
N SER A 259 16.33 -26.75 7.00
CA SER A 259 16.35 -28.14 6.44
C SER A 259 17.49 -28.43 5.46
N VAL A 260 18.22 -27.41 5.03
CA VAL A 260 19.36 -27.49 4.15
C VAL A 260 20.66 -27.14 4.85
N SER A 261 21.77 -27.43 4.19
CA SER A 261 23.05 -27.11 4.69
C SER A 261 23.31 -25.58 4.82
N GLU A 262 24.28 -25.23 5.61
CA GLU A 262 24.68 -23.84 5.69
C GLU A 262 25.12 -23.30 4.31
N SER A 263 25.88 -24.05 3.54
CA SER A 263 26.29 -23.61 2.20
C SER A 263 25.13 -23.41 1.28
N GLU A 264 24.16 -24.31 1.30
CA GLU A 264 22.95 -24.19 0.43
C GLU A 264 22.10 -23.01 0.83
N ARG A 265 22.00 -22.77 2.12
CA ARG A 265 21.29 -21.56 2.60
C ARG A 265 21.93 -20.29 2.15
N GLN A 266 23.27 -20.22 2.27
CA GLN A 266 24.01 -19.09 1.71
C GLN A 266 23.78 -18.94 0.20
N ARG A 267 23.84 -20.06 -0.54
CA ARG A 267 23.67 -20.00 -1.98
C ARG A 267 22.27 -19.49 -2.35
N VAL A 268 21.24 -19.97 -1.65
CA VAL A 268 19.87 -19.53 -1.94
C VAL A 268 19.70 -18.05 -1.62
N PHE A 269 20.20 -17.59 -0.49
CA PHE A 269 20.12 -16.18 -0.20
C PHE A 269 20.88 -15.34 -1.19
N GLN A 270 22.06 -15.80 -1.65
CA GLN A 270 22.82 -15.04 -2.58
C GLN A 270 22.16 -15.02 -3.96
N GLN A 271 21.55 -16.12 -4.36
CA GLN A 271 20.85 -16.15 -5.63
C GLN A 271 19.70 -15.12 -5.63
N ALA A 272 18.98 -15.07 -4.53
CA ALA A 272 17.87 -14.10 -4.43
C ALA A 272 18.42 -12.69 -4.39
N TRP A 273 19.46 -12.47 -3.65
CA TRP A 273 20.08 -11.17 -3.58
C TRP A 273 20.47 -10.69 -4.98
N ASP A 274 21.08 -11.60 -5.75
CA ASP A 274 21.49 -11.29 -7.09
C ASP A 274 20.32 -11.05 -8.04
N LYS A 275 19.25 -11.80 -7.92
CA LYS A 275 18.07 -11.64 -8.76
C LYS A 275 17.33 -10.33 -8.41
N GLY A 276 17.33 -9.98 -7.11
CA GLY A 276 16.62 -8.81 -6.62
C GLY A 276 15.17 -9.12 -6.28
N ASN A 277 14.57 -8.15 -5.59
CA ASN A 277 13.21 -8.05 -5.16
C ASN A 277 13.04 -8.38 -3.70
N GLY A 278 12.34 -7.51 -2.95
CA GLY A 278 12.22 -7.74 -1.54
C GLY A 278 11.37 -8.91 -1.14
N PHE A 279 10.19 -9.04 -1.75
CA PHE A 279 9.34 -10.17 -1.48
C PHE A 279 10.01 -11.46 -1.95
N ARG A 280 10.80 -11.40 -3.03
CA ARG A 280 11.53 -12.63 -3.47
C ARG A 280 12.49 -13.04 -2.34
N PHE A 281 13.13 -12.06 -1.70
CA PHE A 281 14.08 -12.46 -0.66
C PHE A 281 13.35 -13.09 0.54
N MET A 282 12.21 -12.51 0.85
CA MET A 282 11.48 -12.98 2.03
C MET A 282 10.77 -14.33 1.76
N PHE A 283 10.23 -14.53 0.56
CA PHE A 283 9.32 -15.67 0.25
C PHE A 283 9.78 -16.57 -0.88
N GLY A 284 10.76 -16.14 -1.62
CA GLY A 284 11.27 -16.91 -2.71
C GLY A 284 12.47 -17.72 -2.41
N THR A 285 13.07 -17.50 -1.27
CA THR A 285 14.25 -18.26 -0.78
C THR A 285 13.80 -19.56 -0.07
N PHE A 286 13.16 -19.38 1.06
CA PHE A 286 12.64 -20.45 1.90
C PHE A 286 11.18 -20.15 2.33
N CYS A 287 10.49 -21.15 2.84
CA CYS A 287 9.06 -21.04 3.14
C CYS A 287 8.71 -20.45 4.49
N ASP A 288 9.75 -20.22 5.31
CA ASP A 288 9.55 -19.95 6.72
C ASP A 288 10.37 -18.78 7.26
N ILE A 289 10.74 -17.84 6.39
CA ILE A 289 11.46 -16.67 6.87
C ILE A 289 10.68 -15.85 7.84
N ALA A 290 9.41 -15.63 7.55
CA ALA A 290 8.57 -14.78 8.41
C ALA A 290 7.82 -15.52 9.48
N THR A 291 8.03 -16.83 9.62
CA THR A 291 7.37 -17.60 10.64
C THR A 291 8.26 -18.26 11.66
N ASN A 292 9.46 -18.60 11.28
CA ASN A 292 10.40 -19.37 12.10
C ASN A 292 11.56 -18.46 12.50
N PRO A 293 11.70 -18.22 13.80
CA PRO A 293 12.77 -17.32 14.23
C PRO A 293 14.17 -17.72 13.87
N GLU A 294 14.42 -19.02 13.77
CA GLU A 294 15.75 -19.44 13.40
C GLU A 294 16.01 -19.06 11.92
N ALA A 295 15.00 -19.28 11.07
CA ALA A 295 15.10 -18.94 9.67
C ALA A 295 15.24 -17.42 9.50
N ASN A 296 14.48 -16.70 10.29
CA ASN A 296 14.50 -15.24 10.18
C ASN A 296 15.86 -14.72 10.54
N ALA A 297 16.43 -15.28 11.62
CA ALA A 297 17.81 -14.91 11.99
C ALA A 297 18.84 -15.09 10.86
N ALA A 298 18.76 -16.21 10.15
CA ALA A 298 19.63 -16.48 9.04
C ALA A 298 19.48 -15.49 7.92
N ALA A 299 18.25 -15.16 7.57
CA ALA A 299 18.02 -14.13 6.56
C ALA A 299 18.54 -12.76 6.98
N ALA A 300 18.22 -12.33 8.18
CA ALA A 300 18.68 -11.08 8.69
C ALA A 300 20.20 -11.04 8.72
N ALA A 301 20.87 -12.12 9.10
CA ALA A 301 22.30 -12.17 9.15
C ALA A 301 22.94 -11.98 7.77
N PHE A 302 22.32 -12.60 6.77
CA PHE A 302 22.83 -12.44 5.44
C PHE A 302 22.81 -10.96 5.04
N ILE A 303 21.70 -10.27 5.28
CA ILE A 303 21.61 -8.88 4.86
C ILE A 303 22.60 -8.02 5.64
N ARG A 304 22.75 -8.28 6.95
CA ARG A 304 23.71 -7.46 7.73
C ARG A 304 25.11 -7.64 7.20
N SER A 305 25.44 -8.84 6.74
CA SER A 305 26.78 -9.09 6.23
C SER A 305 27.00 -8.33 4.91
N LYS A 306 25.95 -8.16 4.10
CA LYS A 306 26.04 -7.32 2.90
C LYS A 306 26.27 -5.88 3.25
N ILE A 307 25.53 -5.41 4.27
CA ILE A 307 25.73 -4.02 4.68
C ILE A 307 27.17 -3.75 5.08
N ALA A 308 27.74 -4.67 5.85
CA ALA A 308 29.13 -4.58 6.28
C ALA A 308 30.12 -4.59 5.11
N GLU A 309 29.83 -5.33 4.07
CA GLU A 309 30.67 -5.35 2.85
C GLU A 309 30.56 -4.12 2.00
N ILE A 310 29.37 -3.57 1.92
CA ILE A 310 29.13 -2.46 1.04
C ILE A 310 29.57 -1.12 1.58
N VAL A 311 29.26 -0.82 2.83
CA VAL A 311 29.38 0.51 3.37
C VAL A 311 30.78 0.67 3.91
N LYS A 312 31.52 1.61 3.36
CA LYS A 312 32.92 1.76 3.69
C LYS A 312 33.22 2.30 5.07
N ASP A 313 32.46 3.26 5.58
CA ASP A 313 32.73 3.87 6.85
C ASP A 313 32.07 2.96 7.91
N PRO A 314 32.89 2.36 8.80
CA PRO A 314 32.23 1.38 9.72
C PRO A 314 31.21 1.98 10.69
N GLU A 315 31.33 3.25 11.05
CA GLU A 315 30.32 3.89 11.90
C GLU A 315 28.96 3.95 11.11
N THR A 316 29.06 4.39 9.85
CA THR A 316 27.88 4.50 8.99
C THR A 316 27.28 3.11 8.77
N ALA A 317 28.14 2.11 8.61
CA ALA A 317 27.68 0.76 8.48
C ALA A 317 26.92 0.32 9.73
N ARG A 318 27.46 0.64 10.88
CA ARG A 318 26.83 0.25 12.11
C ARG A 318 25.45 0.90 12.21
N LYS A 319 25.36 2.20 11.95
CA LYS A 319 24.08 2.89 12.08
C LYS A 319 23.02 2.33 11.09
N LEU A 320 23.46 1.84 9.97
CA LEU A 320 22.55 1.27 8.92
C LEU A 320 22.08 -0.14 9.18
N THR A 321 22.76 -0.80 10.11
CA THR A 321 22.54 -2.23 10.36
C THR A 321 21.46 -2.46 11.37
N PRO A 322 20.30 -3.00 10.92
CA PRO A 322 19.24 -3.29 11.93
C PRO A 322 19.62 -4.50 12.74
N THR A 323 19.05 -4.55 13.93
CA THR A 323 19.25 -5.68 14.76
C THR A 323 17.96 -6.29 15.27
N ASP A 324 16.83 -5.91 14.64
CA ASP A 324 15.53 -6.40 15.08
C ASP A 324 15.05 -7.46 14.10
N LEU A 325 13.84 -7.94 14.28
CA LEU A 325 13.32 -8.99 13.37
C LEU A 325 13.16 -8.51 11.95
N TYR A 326 13.49 -9.37 11.01
CA TYR A 326 13.27 -9.13 9.59
C TYR A 326 11.83 -9.43 9.24
N ALA A 327 10.95 -8.51 9.67
CA ALA A 327 9.51 -8.79 9.54
C ALA A 327 8.69 -7.56 9.32
N LYS A 328 9.32 -6.48 8.93
CA LYS A 328 8.62 -5.35 8.33
C LYS A 328 8.33 -5.73 6.87
N ARG A 329 7.54 -4.91 6.18
CA ARG A 329 7.31 -5.21 4.78
C ARG A 329 8.65 -5.17 4.05
N PRO A 330 8.96 -6.23 3.27
CA PRO A 330 10.21 -6.31 2.57
C PRO A 330 10.46 -5.03 1.69
N LEU A 331 11.68 -4.51 1.76
CA LEU A 331 12.19 -3.31 1.05
C LEU A 331 13.18 -3.74 0.01
N CYS A 332 13.19 -3.07 -1.13
CA CYS A 332 14.29 -3.21 -2.07
C CYS A 332 14.55 -1.91 -2.81
N ASN A 333 15.77 -1.79 -3.30
CA ASN A 333 16.24 -0.59 -4.00
C ASN A 333 17.40 -0.90 -4.89
N GLU A 334 17.66 0.03 -5.77
CA GLU A 334 18.89 -0.02 -6.53
C GLU A 334 19.96 0.79 -5.85
N GLY A 335 20.95 0.17 -5.27
CA GLY A 335 22.10 0.88 -4.78
C GLY A 335 21.86 1.77 -3.56
N TYR A 336 21.03 1.24 -2.65
CA TYR A 336 20.76 1.97 -1.40
C TYR A 336 21.95 2.09 -0.49
N TYR A 337 22.53 0.95 -0.03
CA TYR A 337 23.61 1.08 0.92
C TYR A 337 24.86 1.79 0.31
N GLU A 338 25.04 1.58 -1.00
CA GLU A 338 26.12 2.26 -1.78
C GLU A 338 25.97 3.79 -1.72
N THR A 339 24.74 4.29 -1.59
CA THR A 339 24.53 5.74 -1.59
C THR A 339 25.24 6.39 -0.41
N TYR A 340 25.40 5.67 0.72
CA TYR A 340 26.03 6.18 1.85
C TYR A 340 27.57 6.22 1.71
N ASN A 341 28.09 5.70 0.60
CA ASN A 341 29.53 5.91 0.29
C ASN A 341 29.79 7.24 -0.43
N ARG A 342 28.73 7.93 -0.83
CA ARG A 342 28.91 9.26 -1.44
C ARG A 342 29.31 10.30 -0.45
N ASP A 343 30.16 11.26 -0.91
CA ASP A 343 30.59 12.35 -0.03
C ASP A 343 29.49 13.29 0.38
N ASN A 344 28.46 13.41 -0.43
CA ASN A 344 27.39 14.37 -0.16
C ASN A 344 26.18 13.80 0.65
N VAL A 345 26.33 12.63 1.26
CA VAL A 345 25.26 12.01 2.03
C VAL A 345 25.69 11.85 3.46
N SER A 346 24.89 12.34 4.39
CA SER A 346 25.15 12.06 5.78
C SER A 346 23.99 11.30 6.44
N LEU A 347 24.31 10.50 7.44
CA LEU A 347 23.34 9.69 8.16
C LEU A 347 23.34 10.11 9.64
N VAL A 348 22.18 10.51 10.12
CA VAL A 348 21.92 10.86 11.51
C VAL A 348 21.10 9.80 12.08
N SER A 349 21.59 9.15 13.14
CA SER A 349 20.82 8.17 13.83
C SER A 349 20.00 8.83 14.92
N LEU A 350 18.68 8.80 14.77
CA LEU A 350 17.82 9.52 15.71
C LEU A 350 17.68 8.76 17.01
N LYS A 351 18.09 7.49 17.04
CA LYS A 351 18.29 6.74 18.30
C LYS A 351 19.36 7.40 19.14
N GLU A 352 20.42 7.84 18.50
CA GLU A 352 21.60 8.41 19.17
C GLU A 352 21.51 9.91 19.41
N THR A 353 21.00 10.66 18.42
CA THR A 353 20.90 12.11 18.44
C THR A 353 19.51 12.47 17.87
N PRO A 354 18.49 12.35 18.71
CA PRO A 354 17.12 12.64 18.24
C PRO A 354 16.97 14.09 17.82
N ILE A 355 15.90 14.34 17.07
CA ILE A 355 15.52 15.71 16.78
C ILE A 355 15.09 16.38 18.06
N GLU A 356 15.67 17.54 18.37
CA GLU A 356 15.20 18.39 19.49
C GLU A 356 14.15 19.35 18.95
N GLU A 357 14.47 20.02 17.86
CA GLU A 357 13.55 21.02 17.34
C GLU A 357 13.81 21.26 15.86
N ILE A 358 12.73 21.39 15.09
CA ILE A 358 12.83 22.03 13.78
C ILE A 358 12.91 23.57 13.98
N VAL A 359 13.76 24.22 13.20
CA VAL A 359 13.97 25.69 13.26
C VAL A 359 13.84 26.28 11.86
N PRO A 360 13.76 27.60 11.76
CA PRO A 360 13.59 28.12 10.40
C PRO A 360 14.57 27.64 9.38
N GLN A 361 15.83 27.46 9.81
CA GLN A 361 16.87 27.13 8.90
C GLN A 361 17.07 25.63 8.73
N GLY A 362 16.45 24.80 9.53
CA GLY A 362 16.71 23.34 9.44
C GLY A 362 16.23 22.56 10.62
N VAL A 363 17.08 21.60 11.05
CA VAL A 363 16.72 20.72 12.08
C VAL A 363 17.84 20.71 13.13
N ARG A 364 17.45 20.82 14.41
CA ARG A 364 18.47 20.76 15.47
C ARG A 364 18.34 19.43 16.18
N THR A 365 19.44 18.68 16.21
CA THR A 365 19.45 17.42 16.94
C THR A 365 20.01 17.64 18.37
N SER A 366 19.94 16.59 19.17
CA SER A 366 20.21 16.70 20.61
C SER A 366 21.70 16.90 20.92
N ASP A 367 22.55 16.77 19.91
CA ASP A 367 23.93 17.09 20.08
C ASP A 367 24.16 18.57 19.85
N GLY A 368 23.09 19.33 19.57
CA GLY A 368 23.17 20.76 19.34
C GLY A 368 23.48 21.16 17.91
N VAL A 369 23.68 20.17 17.04
CA VAL A 369 24.05 20.45 15.69
C VAL A 369 22.79 20.97 14.92
N VAL A 370 22.89 22.15 14.31
CA VAL A 370 21.81 22.61 13.50
C VAL A 370 22.13 22.15 12.09
N HIS A 371 21.32 21.23 11.59
CA HIS A 371 21.46 20.81 10.18
C HIS A 371 20.73 21.74 9.24
N GLU A 372 21.47 22.51 8.43
CA GLU A 372 20.89 23.54 7.58
C GLU A 372 20.32 22.94 6.36
N LEU A 373 19.05 23.28 6.11
CA LEU A 373 18.32 22.69 4.99
C LEU A 373 17.51 23.71 4.24
N ASP A 374 17.46 23.54 2.93
CA ASP A 374 16.53 24.24 2.01
C ASP A 374 15.17 23.49 1.90
N VAL A 375 15.23 22.17 1.96
CA VAL A 375 14.07 21.32 1.76
C VAL A 375 14.09 20.25 2.82
N LEU A 376 12.96 20.05 3.50
CA LEU A 376 12.79 19.01 4.51
C LEU A 376 11.65 18.09 4.07
N VAL A 377 11.99 16.83 3.88
CA VAL A 377 11.11 15.86 3.26
C VAL A 377 10.67 14.87 4.34
N PHE A 378 9.36 14.75 4.52
CA PHE A 378 8.78 13.81 5.49
C PHE A 378 8.42 12.56 4.72
N ALA A 379 9.28 11.56 4.83
CA ALA A 379 9.00 10.23 4.32
C ALA A 379 8.47 9.34 5.49
N THR A 380 7.47 9.87 6.22
CA THR A 380 7.06 9.41 7.47
C THR A 380 5.82 8.49 7.40
N GLY A 381 5.47 8.07 6.17
CA GLY A 381 4.41 7.09 5.96
C GLY A 381 3.01 7.59 6.15
N PHE A 382 2.12 6.65 6.50
CA PHE A 382 0.67 6.80 6.40
C PHE A 382 -0.08 6.33 7.65
N ASP A 383 -1.21 6.99 7.86
CA ASP A 383 -2.23 6.50 8.78
C ASP A 383 -2.94 5.36 8.02
N ALA A 384 -2.26 4.22 8.01
CA ALA A 384 -2.55 3.17 7.04
C ALA A 384 -3.85 2.43 7.33
N VAL A 385 -4.42 1.88 6.27
CA VAL A 385 -5.58 1.05 6.25
C VAL A 385 -6.84 1.83 6.59
N ASP A 386 -6.92 2.31 7.84
CA ASP A 386 -8.19 2.88 8.34
C ASP A 386 -8.18 4.38 8.34
N GLY A 387 -7.08 5.01 7.91
CA GLY A 387 -6.98 6.46 8.16
C GLY A 387 -8.04 7.28 7.50
N ASN A 388 -8.34 7.00 6.22
CA ASN A 388 -9.35 7.82 5.54
C ASN A 388 -10.78 7.44 5.87
N TYR A 389 -11.02 6.30 6.45
CA TYR A 389 -12.31 5.94 7.03
C TYR A 389 -12.56 6.76 8.28
N ARG A 390 -11.61 6.79 9.21
CA ARG A 390 -11.81 7.44 10.50
C ARG A 390 -11.94 8.95 10.35
N ALA A 391 -11.30 9.49 9.32
CA ALA A 391 -11.35 10.92 9.02
C ALA A 391 -12.69 11.37 8.45
N MET A 392 -13.46 10.45 7.92
CA MET A 392 -14.70 10.76 7.25
C MET A 392 -15.77 10.75 8.34
N ASN A 393 -16.84 11.53 8.16
CA ASN A 393 -18.06 11.36 8.93
C ASN A 393 -18.91 10.26 8.29
N LEU A 394 -18.51 9.03 8.57
CA LEU A 394 -19.04 7.83 7.97
C LEU A 394 -19.90 7.13 9.03
N ARG A 395 -21.20 7.11 8.82
CA ARG A 395 -22.19 6.59 9.78
C ARG A 395 -23.13 5.60 9.13
N GLY A 396 -23.38 4.54 9.87
CA GLY A 396 -24.25 3.47 9.43
C GLY A 396 -25.55 3.39 10.19
N ARG A 397 -26.01 2.16 10.42
CA ARG A 397 -27.26 1.95 11.22
C ARG A 397 -27.16 2.61 12.62
N ASP A 398 -28.27 3.10 13.09
CA ASP A 398 -28.39 3.81 14.34
C ASP A 398 -27.58 5.06 14.35
N GLY A 399 -27.13 5.54 13.19
CA GLY A 399 -26.42 6.81 13.20
C GLY A 399 -25.06 6.77 13.87
N ARG A 400 -24.50 5.56 14.02
CA ARG A 400 -23.25 5.39 14.72
C ARG A 400 -22.08 5.63 13.74
N HIS A 401 -21.11 6.42 14.14
CA HIS A 401 -19.85 6.61 13.42
C HIS A 401 -19.09 5.31 13.34
N ILE A 402 -18.34 5.15 12.23
CA ILE A 402 -17.42 3.98 12.12
C ILE A 402 -16.48 3.84 13.32
N ASN A 403 -16.02 4.94 13.94
CA ASN A 403 -15.11 4.88 15.09
C ASN A 403 -15.71 4.12 16.27
N GLU A 404 -17.02 4.23 16.40
CA GLU A 404 -17.68 3.49 17.50
C GLU A 404 -17.61 1.99 17.33
N HIS A 405 -17.46 1.53 16.10
CA HIS A 405 -17.25 0.11 15.80
C HIS A 405 -15.82 -0.37 15.91
N TRP A 406 -14.86 0.54 15.90
CA TRP A 406 -13.47 0.19 15.73
C TRP A 406 -12.64 0.52 16.98
N THR A 407 -13.24 0.38 18.17
CA THR A 407 -12.48 0.84 19.37
C THR A 407 -11.32 -0.10 19.74
N GLU A 408 -11.30 -1.31 19.19
CA GLU A 408 -10.16 -2.20 19.37
C GLU A 408 -9.45 -2.48 18.07
N GLY A 409 -9.47 -1.51 17.16
CA GLY A 409 -8.85 -1.75 15.85
C GLY A 409 -9.91 -1.82 14.80
N PRO A 410 -9.51 -1.55 13.54
CA PRO A 410 -10.46 -1.57 12.44
C PRO A 410 -10.82 -3.01 12.06
N THR A 411 -12.05 -3.22 11.65
CA THR A 411 -12.69 -4.51 11.38
C THR A 411 -13.49 -4.50 10.08
N SER A 412 -13.75 -5.69 9.55
CA SER A 412 -14.55 -5.91 8.39
C SER A 412 -15.05 -7.33 8.39
N TYR A 413 -15.88 -7.65 7.44
CA TYR A 413 -16.06 -9.01 7.03
C TYR A 413 -15.42 -9.14 5.64
N LEU A 414 -14.43 -10.02 5.56
CA LEU A 414 -13.74 -10.42 4.34
C LEU A 414 -12.92 -9.31 3.73
N GLY A 415 -12.70 -8.21 4.45
CA GLY A 415 -11.90 -7.10 3.95
C GLY A 415 -12.71 -6.11 3.15
N VAL A 416 -13.97 -6.42 2.86
CA VAL A 416 -14.69 -5.69 1.86
C VAL A 416 -16.10 -5.21 2.30
N THR A 417 -16.56 -5.65 3.49
CA THR A 417 -17.87 -5.22 3.99
C THR A 417 -17.77 -5.02 5.48
N LYS A 418 -18.81 -4.39 6.06
CA LYS A 418 -18.79 -3.97 7.42
C LYS A 418 -20.19 -4.07 8.04
N ALA A 419 -20.26 -4.80 9.13
CA ALA A 419 -21.49 -4.93 9.88
C ALA A 419 -21.97 -3.55 10.39
N GLY A 420 -23.26 -3.32 10.25
CA GLY A 420 -23.82 -2.02 10.53
C GLY A 420 -23.83 -1.03 9.39
N PHE A 421 -23.17 -1.37 8.27
CA PHE A 421 -23.01 -0.46 7.13
C PHE A 421 -23.53 -1.17 5.89
N PRO A 422 -24.84 -1.31 5.76
CA PRO A 422 -25.39 -2.02 4.62
C PRO A 422 -25.03 -1.34 3.33
N ASN A 423 -24.85 -2.12 2.29
CA ASN A 423 -24.63 -1.60 0.93
C ASN A 423 -23.32 -0.81 0.78
N MET A 424 -22.42 -0.93 1.75
CA MET A 424 -21.10 -0.28 1.69
C MET A 424 -20.04 -1.37 1.45
N PHE A 425 -19.24 -1.20 0.36
CA PHE A 425 -18.20 -2.10 0.02
C PHE A 425 -16.92 -1.37 0.06
N MET A 426 -15.87 -2.04 0.53
CA MET A 426 -14.55 -1.44 0.71
C MET A 426 -13.55 -2.13 -0.24
N ILE A 427 -12.71 -1.36 -0.90
CA ILE A 427 -11.61 -1.89 -1.69
C ILE A 427 -10.38 -1.69 -0.85
N LEU A 428 -9.75 -2.79 -0.49
CA LEU A 428 -8.62 -2.80 0.45
C LEU A 428 -8.98 -2.15 1.80
N GLY A 429 -10.13 -2.56 2.36
CA GLY A 429 -10.50 -2.20 3.68
C GLY A 429 -9.67 -2.99 4.70
N PRO A 430 -9.96 -2.80 5.96
CA PRO A 430 -9.26 -3.54 7.03
C PRO A 430 -9.48 -5.02 6.92
N ASN A 431 -8.43 -5.73 7.31
CA ASN A 431 -8.47 -7.21 7.37
C ASN A 431 -8.67 -7.88 6.03
N GLY A 432 -7.92 -7.39 5.05
CA GLY A 432 -7.89 -8.05 3.73
C GLY A 432 -6.44 -8.45 3.45
N PRO A 433 -6.19 -8.86 2.21
CA PRO A 433 -4.91 -9.47 1.88
C PRO A 433 -3.72 -8.54 1.87
N PHE A 434 -2.54 -9.15 2.08
CA PHE A 434 -1.28 -8.39 2.14
C PHE A 434 -0.39 -8.99 1.03
N THR A 435 -0.43 -8.38 -0.16
CA THR A 435 0.14 -8.95 -1.37
C THR A 435 0.54 -7.81 -2.28
N ASN A 436 1.10 -8.16 -3.45
CA ASN A 436 1.07 -7.27 -4.61
C ASN A 436 -0.40 -6.84 -4.83
N LEU A 437 -0.71 -5.55 -4.74
CA LEU A 437 -2.10 -5.16 -4.49
C LEU A 437 -3.06 -5.21 -5.69
N PRO A 438 -2.58 -4.90 -6.93
CA PRO A 438 -3.50 -4.94 -8.09
C PRO A 438 -4.33 -6.27 -8.19
N PRO A 439 -3.72 -7.45 -8.02
CA PRO A 439 -4.56 -8.63 -8.19
C PRO A 439 -5.52 -8.87 -7.00
N SER A 440 -5.17 -8.34 -5.81
CA SER A 440 -6.11 -8.38 -4.64
C SER A 440 -7.25 -7.42 -4.94
N ILE A 441 -6.94 -6.26 -5.49
CA ILE A 441 -7.98 -5.30 -5.83
C ILE A 441 -8.94 -5.95 -6.82
N GLU A 442 -8.39 -6.60 -7.84
CA GLU A 442 -9.22 -7.23 -8.82
C GLU A 442 -10.19 -8.26 -8.21
N ALA A 443 -9.68 -9.11 -7.32
CA ALA A 443 -10.50 -10.14 -6.65
C ALA A 443 -11.66 -9.46 -5.93
N GLN A 444 -11.29 -8.38 -5.23
CA GLN A 444 -12.32 -7.65 -4.48
C GLN A 444 -13.35 -6.93 -5.36
N VAL A 445 -12.90 -6.18 -6.36
CA VAL A 445 -13.79 -5.50 -7.25
C VAL A 445 -14.75 -6.46 -7.92
N GLU A 446 -14.20 -7.59 -8.37
CA GLU A 446 -15.01 -8.55 -9.09
C GLU A 446 -16.07 -9.23 -8.18
N TRP A 447 -15.67 -9.52 -6.96
CA TRP A 447 -16.58 -10.07 -5.95
C TRP A 447 -17.68 -9.08 -5.60
N ILE A 448 -17.29 -7.82 -5.38
CA ILE A 448 -18.26 -6.79 -5.08
C ILE A 448 -19.24 -6.61 -6.25
N SER A 449 -18.74 -6.62 -7.47
CA SER A 449 -19.57 -6.47 -8.68
C SER A 449 -20.61 -7.59 -8.72
N ASP A 450 -20.22 -8.83 -8.48
CA ASP A 450 -21.09 -9.92 -8.48
C ASP A 450 -22.19 -9.80 -7.41
N LEU A 451 -21.86 -9.31 -6.24
CA LEU A 451 -22.83 -9.22 -5.19
C LEU A 451 -23.82 -8.09 -5.51
N ILE A 452 -23.28 -6.93 -5.93
CA ILE A 452 -24.15 -5.85 -6.33
C ILE A 452 -25.10 -6.31 -7.47
N ASP A 453 -24.59 -7.07 -8.43
CA ASP A 453 -25.46 -7.51 -9.49
C ASP A 453 -26.53 -8.46 -9.01
N LYS A 454 -26.21 -9.32 -8.05
CA LYS A 454 -27.22 -10.17 -7.47
C LYS A 454 -28.33 -9.30 -6.87
N ALA A 455 -27.92 -8.28 -6.13
CA ALA A 455 -28.88 -7.38 -5.50
C ALA A 455 -29.79 -6.81 -6.59
N THR A 456 -29.20 -6.29 -7.66
CA THR A 456 -29.95 -5.73 -8.72
C THR A 456 -30.92 -6.76 -9.30
N ARG A 457 -30.44 -7.96 -9.62
CA ARG A 457 -31.29 -8.91 -10.35
C ARG A 457 -32.44 -9.37 -9.43
N GLU A 458 -32.16 -9.54 -8.14
CA GLU A 458 -33.13 -10.08 -7.21
C GLU A 458 -33.94 -9.03 -6.51
N GLY A 459 -33.66 -7.74 -6.76
CA GLY A 459 -34.43 -6.70 -6.08
C GLY A 459 -34.11 -6.51 -4.61
N LEU A 460 -32.89 -6.82 -4.21
CA LEU A 460 -32.52 -6.71 -2.81
C LEU A 460 -32.40 -5.20 -2.52
N THR A 461 -32.87 -4.80 -1.35
CA THR A 461 -32.69 -3.43 -0.95
C THR A 461 -31.46 -3.22 -0.05
N THR A 462 -31.12 -4.22 0.77
CA THR A 462 -29.90 -4.17 1.57
C THR A 462 -29.15 -5.51 1.56
N VAL A 463 -27.82 -5.38 1.56
CA VAL A 463 -26.95 -6.47 1.83
C VAL A 463 -25.99 -6.03 2.92
N GLU A 464 -25.81 -6.87 3.92
CA GLU A 464 -25.00 -6.50 5.06
C GLU A 464 -24.47 -7.74 5.75
N PRO A 465 -23.24 -7.69 6.21
CA PRO A 465 -22.81 -8.80 7.03
C PRO A 465 -23.31 -8.76 8.49
N THR A 466 -23.35 -9.93 9.12
CA THR A 466 -23.73 -9.97 10.49
C THR A 466 -22.57 -9.54 11.38
N ALA A 467 -22.90 -9.07 12.57
CA ALA A 467 -21.90 -8.82 13.55
C ALA A 467 -21.12 -10.11 13.92
N ASP A 468 -21.80 -11.28 13.96
CA ASP A 468 -21.05 -12.49 14.29
C ASP A 468 -20.01 -12.79 13.19
N ALA A 469 -20.44 -12.67 11.93
CA ALA A 469 -19.56 -12.98 10.82
C ALA A 469 -18.33 -12.11 10.81
N GLU A 470 -18.52 -10.82 11.09
CA GLU A 470 -17.41 -9.90 11.17
C GLU A 470 -16.48 -10.30 12.36
N ARG A 471 -17.04 -10.56 13.55
CA ARG A 471 -16.18 -11.03 14.66
C ARG A 471 -15.39 -12.27 14.35
N GLU A 472 -16.02 -13.24 13.74
CA GLU A 472 -15.33 -14.46 13.29
C GLU A 472 -14.17 -14.12 12.33
N TRP A 473 -14.38 -13.14 11.45
CA TRP A 473 -13.31 -12.75 10.51
C TRP A 473 -12.16 -12.10 11.28
N THR A 474 -12.46 -11.25 12.26
CA THR A 474 -11.43 -10.71 13.10
C THR A 474 -10.61 -11.84 13.73
N GLU A 475 -11.29 -12.83 14.30
CA GLU A 475 -10.57 -13.93 14.98
C GLU A 475 -9.74 -14.74 14.03
N THR A 476 -10.27 -14.99 12.86
CA THR A 476 -9.50 -15.66 11.84
C THR A 476 -8.20 -14.87 11.55
N CYS A 477 -8.31 -13.60 11.27
CA CYS A 477 -7.13 -12.80 10.98
C CYS A 477 -6.13 -12.76 12.10
N ALA A 478 -6.61 -12.67 13.33
CA ALA A 478 -5.73 -12.62 14.49
C ALA A 478 -4.94 -13.93 14.67
N GLU A 479 -5.63 -15.05 14.45
CA GLU A 479 -5.04 -16.32 14.58
C GLU A 479 -3.91 -16.50 13.55
N ILE A 480 -4.18 -16.13 12.31
CA ILE A 480 -3.20 -16.27 11.25
C ILE A 480 -2.01 -15.35 11.61
N ALA A 481 -2.27 -14.11 11.98
CA ALA A 481 -1.22 -13.17 12.30
C ALA A 481 -0.33 -13.66 13.43
N ASN A 482 -0.92 -14.32 14.45
CA ASN A 482 -0.09 -14.81 15.55
C ASN A 482 0.77 -16.01 15.24
N MET A 483 0.61 -16.60 14.07
CA MET A 483 1.46 -17.72 13.58
C MET A 483 2.65 -17.13 12.85
N THR A 484 2.75 -15.80 12.77
CA THR A 484 3.83 -15.17 12.08
C THR A 484 4.64 -14.24 12.96
N LEU A 485 5.79 -13.76 12.46
CA LEU A 485 6.60 -12.79 13.17
C LEU A 485 6.15 -11.36 12.87
N PHE A 486 5.23 -11.15 11.94
CA PHE A 486 4.85 -9.79 11.54
C PHE A 486 4.34 -8.88 12.70
N PRO A 487 3.59 -9.45 13.69
CA PRO A 487 3.17 -8.61 14.80
C PRO A 487 4.30 -8.08 15.68
N LYS A 488 5.48 -8.67 15.55
CA LYS A 488 6.63 -8.27 16.39
C LYS A 488 7.67 -7.39 15.69
N ALA A 489 7.22 -6.63 14.70
CA ALA A 489 8.10 -5.76 13.91
C ALA A 489 7.97 -4.22 13.89
N ASP A 490 7.26 -3.66 14.85
CA ASP A 490 6.88 -2.27 14.88
C ASP A 490 6.73 -1.55 13.59
N SER A 491 5.64 -1.77 12.88
N SER A 491 5.60 -1.74 12.93
CA SER A 491 5.49 -0.87 11.68
CA SER A 491 5.43 -0.90 11.72
C SER A 491 4.03 -0.54 11.51
C SER A 491 4.02 -0.47 11.56
N TRP A 492 3.79 0.19 10.45
CA TRP A 492 2.49 0.60 10.09
C TRP A 492 1.44 -0.57 9.90
N ILE A 493 1.91 -1.79 9.73
CA ILE A 493 1.05 -2.87 9.32
C ILE A 493 0.08 -3.22 10.46
N PHE A 494 0.54 -3.04 11.70
CA PHE A 494 -0.31 -3.26 12.88
C PHE A 494 -0.64 -1.99 13.61
N GLY A 495 -0.49 -0.85 12.92
CA GLY A 495 -0.87 0.42 13.57
C GLY A 495 0.11 1.07 14.49
N ALA A 496 1.27 0.54 14.61
CA ALA A 496 2.07 0.94 15.73
C ALA A 496 2.82 2.25 15.39
N ASN A 497 2.80 2.68 14.12
CA ASN A 497 3.58 3.80 13.69
C ASN A 497 3.10 5.18 14.10
N ILE A 498 1.90 5.28 14.56
CA ILE A 498 1.41 6.59 14.89
C ILE A 498 1.02 6.68 16.36
N PRO A 499 1.52 7.71 17.08
CA PRO A 499 1.26 7.74 18.53
C PRO A 499 -0.23 7.75 18.83
N GLY A 500 -0.67 6.86 19.72
CA GLY A 500 -2.07 6.80 20.09
C GLY A 500 -2.88 5.85 19.23
N LYS A 501 -2.38 5.49 18.06
CA LYS A 501 -3.12 4.52 17.22
C LYS A 501 -3.12 3.16 17.83
N ARG A 502 -4.25 2.49 17.72
CA ARG A 502 -4.42 1.14 18.31
C ARG A 502 -3.49 0.13 17.63
N HIS A 503 -2.78 -0.68 18.43
CA HIS A 503 -1.97 -1.77 17.87
C HIS A 503 -2.91 -2.92 17.64
N ALA A 504 -3.09 -3.33 16.39
CA ALA A 504 -4.11 -4.32 16.09
C ALA A 504 -3.85 -4.96 14.75
N VAL A 505 -4.34 -6.17 14.60
CA VAL A 505 -4.26 -6.84 13.29
C VAL A 505 -5.12 -6.02 12.32
N MET A 506 -4.56 -5.72 11.12
CA MET A 506 -5.25 -4.97 10.11
C MET A 506 -5.20 -5.59 8.71
N PHE A 507 -4.63 -6.79 8.63
CA PHE A 507 -4.56 -7.61 7.37
C PHE A 507 -4.94 -9.04 7.66
N TYR A 508 -5.52 -9.68 6.64
CA TYR A 508 -5.58 -11.14 6.51
C TYR A 508 -4.26 -11.58 5.92
N LEU A 509 -3.49 -12.36 6.68
CA LEU A 509 -2.10 -12.73 6.26
C LEU A 509 -2.03 -14.13 5.66
N GLY A 510 -3.16 -14.66 5.19
CA GLY A 510 -3.25 -15.97 4.58
C GLY A 510 -2.87 -16.06 3.14
N GLY A 511 -2.72 -14.91 2.48
CA GLY A 511 -2.32 -14.86 1.07
C GLY A 511 -3.47 -14.81 0.10
N LEU A 512 -3.12 -14.46 -1.12
CA LEU A 512 -4.11 -14.21 -2.20
C LEU A 512 -4.91 -15.49 -2.57
N GLY A 513 -4.21 -16.63 -2.76
CA GLY A 513 -4.91 -17.84 -3.16
C GLY A 513 -5.93 -18.24 -2.12
N ASN A 514 -5.58 -18.19 -0.83
CA ASN A 514 -6.53 -18.59 0.22
C ASN A 514 -7.64 -17.53 0.33
N TYR A 515 -7.26 -16.26 0.14
CA TYR A 515 -8.20 -15.16 0.18
C TYR A 515 -9.25 -15.30 -0.94
N ARG A 516 -8.83 -15.60 -2.14
CA ARG A 516 -9.74 -15.78 -3.26
C ARG A 516 -10.67 -16.95 -2.97
N ARG A 517 -10.17 -18.01 -2.34
CA ARG A 517 -11.01 -19.15 -2.01
C ARG A 517 -12.06 -18.75 -0.92
N GLN A 518 -11.67 -17.97 0.07
CA GLN A 518 -12.63 -17.49 1.04
C GLN A 518 -13.72 -16.71 0.42
N LEU A 519 -13.40 -15.80 -0.48
CA LEU A 519 -14.44 -15.06 -1.14
C LEU A 519 -15.40 -15.94 -1.94
N ALA A 520 -14.79 -16.83 -2.71
CA ALA A 520 -15.52 -17.72 -3.58
C ALA A 520 -16.46 -18.65 -2.79
N ASP A 521 -15.95 -19.16 -1.68
CA ASP A 521 -16.66 -20.10 -0.81
C ASP A 521 -17.82 -19.35 -0.15
N VAL A 522 -17.61 -18.09 0.20
CA VAL A 522 -18.73 -17.29 0.74
C VAL A 522 -19.82 -17.09 -0.26
N ALA A 523 -19.46 -16.66 -1.45
CA ALA A 523 -20.45 -16.45 -2.51
C ALA A 523 -21.20 -17.71 -2.96
N ASP A 524 -20.48 -18.79 -3.12
CA ASP A 524 -21.10 -20.03 -3.59
C ASP A 524 -21.99 -20.64 -2.53
N GLY A 525 -21.72 -20.34 -1.26
CA GLY A 525 -22.55 -20.79 -0.15
C GLY A 525 -23.70 -19.86 0.14
N GLY A 526 -24.17 -19.10 -0.84
CA GLY A 526 -25.30 -18.21 -0.65
C GLY A 526 -25.02 -16.98 0.22
N TYR A 527 -23.79 -16.53 0.17
CA TYR A 527 -23.30 -15.34 0.89
C TYR A 527 -23.43 -15.57 2.40
N ARG A 528 -22.80 -16.68 2.80
CA ARG A 528 -22.60 -17.00 4.19
C ARG A 528 -22.13 -15.81 4.95
N GLY A 529 -22.87 -15.48 5.99
CA GLY A 529 -22.55 -14.36 6.87
C GLY A 529 -23.28 -13.07 6.50
N PHE A 530 -24.08 -13.07 5.45
CA PHE A 530 -24.76 -11.84 5.00
C PHE A 530 -26.26 -11.97 5.22
N GLN A 531 -26.88 -10.86 5.61
CA GLN A 531 -28.31 -10.69 5.54
C GLN A 531 -28.62 -9.99 4.27
N LEU A 532 -29.45 -10.63 3.49
CA LEU A 532 -29.88 -10.15 2.17
C LEU A 532 -31.36 -9.89 2.25
N ARG A 533 -31.79 -8.66 2.11
CA ARG A 533 -33.22 -8.29 2.34
C ARG A 533 -33.79 -7.58 1.14
N GLY A 534 -35.07 -7.82 0.85
CA GLY A 534 -35.77 -7.38 -0.40
C GLY A 534 -36.83 -6.36 -0.07
PA FAD B . -4.83 4.63 -3.71
O1A FAD B . -4.25 5.09 -2.43
O2A FAD B . -3.96 4.57 -4.96
O5B FAD B . -6.05 5.58 -4.05
C5B FAD B . -7.04 5.99 -3.10
C4B FAD B . -7.49 7.36 -3.53
O4B FAD B . -8.64 7.66 -2.69
C3B FAD B . -6.51 8.51 -3.37
O3B FAD B . -6.20 9.16 -4.61
C2B FAD B . -7.21 9.44 -2.39
O2B FAD B . -6.94 10.81 -2.69
C1B FAD B . -8.65 9.05 -2.55
N9A FAD B . -9.46 9.41 -1.38
C8A FAD B . -9.33 8.92 -0.12
N7A FAD B . -10.27 9.41 0.68
C5A FAD B . -11.04 10.25 -0.11
C6A FAD B . -12.18 11.05 0.22
N6A FAD B . -12.70 11.07 1.50
N1A FAD B . -12.73 11.71 -0.80
C2A FAD B . -12.23 11.65 -2.03
N3A FAD B . -11.14 10.95 -2.42
C4A FAD B . -10.53 10.24 -1.42
N1 FAD B . 1.72 -1.72 -3.78
C2 FAD B . 2.16 -2.86 -4.45
O2 FAD B . 1.48 -3.92 -4.44
N3 FAD B . 3.31 -2.80 -5.12
C4 FAD B . 4.07 -1.70 -5.29
O4 FAD B . 5.06 -1.66 -6.11
C4X FAD B . 3.73 -0.52 -4.54
N5 FAD B . 4.45 0.62 -4.54
C5X FAD B . 4.05 1.68 -3.79
C6 FAD B . 4.82 2.84 -3.82
C7 FAD B . 4.45 3.95 -3.05
C7M FAD B . 5.29 5.18 -3.10
C8 FAD B . 3.24 3.88 -2.26
C8M FAD B . 2.81 5.03 -1.39
C9 FAD B . 2.45 2.72 -2.25
C9A FAD B . 2.81 1.60 -3.00
N10 FAD B . 2.05 0.46 -3.04
C10 FAD B . 2.52 -0.65 -3.78
C1' FAD B . 0.73 0.42 -2.41
C2' FAD B . -0.25 1.10 -3.46
O2' FAD B . -1.03 2.17 -2.84
C3' FAD B . -1.24 0.12 -4.17
O3' FAD B . -0.47 -0.81 -4.96
C4' FAD B . -2.34 0.71 -5.09
O4' FAD B . -1.79 1.84 -5.80
C5' FAD B . -3.55 1.10 -4.27
O5' FAD B . -4.61 1.60 -5.10
P FAD B . -5.99 1.98 -4.37
O1P FAD B . -6.89 2.47 -5.43
O2P FAD B . -6.39 0.92 -3.41
O3P FAD B . -5.56 3.22 -3.46
PA NA7 C . 6.84 3.62 6.53
O1A NA7 C . 5.76 3.78 7.58
O2A NA7 C . 7.23 2.24 6.10
O5B NA7 C . 8.09 4.35 7.07
C5B NA7 C . 8.06 5.63 7.76
C4B NA7 C . 9.47 6.04 8.17
O4B NA7 C . 9.38 7.30 8.86
C3B NA7 C . 10.16 5.05 9.13
O3B NA7 C . 11.59 4.98 8.87
C2B NA7 C . 9.78 5.61 10.51
O2B NA7 C . 10.62 5.25 11.57
C1B NA7 C . 9.92 7.09 10.18
N9A NA7 C . 9.20 7.96 11.10
C8A NA7 C . 7.85 7.98 11.31
N7A NA7 C . 7.48 8.87 12.26
C5A NA7 C . 8.65 9.43 12.71
C6A NA7 C . 9.01 10.40 13.69
N6A NA7 C . 8.11 11.02 14.49
N1A NA7 C . 10.28 10.71 13.80
C2A NA7 C . 11.21 10.12 13.05
N3A NA7 C . 11.00 9.21 12.10
C4A NA7 C . 9.73 8.85 11.92
O3 NA7 C . 6.32 4.55 5.34
PN NA7 C . 6.74 4.48 3.77
O1N NA7 C . 8.25 4.42 3.63
O2N NA7 C . 6.00 5.64 3.11
O5D NA7 C . 6.20 3.09 3.26
C5D NA7 C . 4.81 2.75 3.49
C4D NA7 C . 4.36 1.83 2.37
O4D NA7 C . 4.06 2.60 1.19
C3D NA7 C . 5.37 0.76 1.92
O3D NA7 C . 5.69 -0.04 3.06
C2D NA7 C . 4.79 0.10 0.65
O2D NA7 C . 3.91 -0.92 1.05
C1D NA7 C . 4.31 1.54 0.14
P2B NA7 C . 10.13 4.07 12.64
O1X NA7 C . 10.29 2.79 11.83
O2X NA7 C . 11.10 4.43 13.74
O3X NA7 C . 8.72 4.38 12.81
C1 GOL D . 5.68 23.58 1.70
O1 GOL D . 6.73 24.23 2.48
C2 GOL D . 4.92 24.67 0.98
O2 GOL D . 5.87 25.55 0.29
C3 GOL D . 3.97 24.06 -0.01
O3 GOL D . 4.62 23.24 -1.00
C1 GOL E . -21.60 16.32 -6.20
O1 GOL E . -20.50 17.20 -6.47
C2 GOL E . -22.33 15.98 -7.47
O2 GOL E . -21.51 15.20 -8.42
C3 GOL E . -22.81 17.21 -8.20
O3 GOL E . -23.54 16.86 -9.37
#